data_6WFW
#
_entry.id   6WFW
#
_cell.length_a   80.440
_cell.length_b   117.045
_cell.length_c   116.912
_cell.angle_alpha   90.00
_cell.angle_beta   90.00
_cell.angle_gamma   90.00
#
_symmetry.space_group_name_H-M   'C 2 2 21'
#
loop_
_entity.id
_entity.type
_entity.pdbx_description
1 polymer 'Immunoglobulin G-binding protein G'
2 polymer 'Fab364 heavy chain'
3 polymer 'Fab364 light chain'
4 polymer 'NPNA2 peptide'
5 water water
#
loop_
_entity_poly.entity_id
_entity_poly.type
_entity_poly.pdbx_seq_one_letter_code
_entity_poly.pdbx_strand_id
1 'polypeptide(L)' PAVTTYKLVINGKTLKGETTTKAVDAETAEKAFKQYANDNGVDGVWTYDDATKTFTVTEH G
2 'polypeptide(L)'
;QVQLVESGGGVVQP(UNK)GSLRLSCAASGFTFSGYGMHWVRQVPGKGLEWVAIIWFDGSQKYYADSVQGRFTISRDN
(UNK)KKTLFLRMNSLRAEDTAVYYCAKVHDDEPTQDYWGQGTLVTVFNQIKGPSVFPLAPS(UNK)(UNK)(UNK)
(UNK)(UNK)SGTAALGCLVKDYFPEPVTVSWNSGALTSGVHTFPAVLQSSGLYSLSSVVTVPSSSLGTQTYICNVNHKP
SNTKVDKKVEPK
;
H
3 'polypeptide(L)'
;IQMTQSPSTLSASVGDRVTITCRASQGISTSLAWYQQKPGKAPKLLIYKASSLESGVPSRFSGSGSGTEFTLTITSLQPE
DFATYYCQQYKRYWTFGQGTKVEIKRTVAAPSVFIFPPSDEQLKSGTASVVCLLNNFYPREAKVQWKVDNALQSGNSQES
VTEQDSKDSTYSLSSTLTLSKADYEKHKVYACEVTHQGLSSPVTKSFNRGE
;
L
4 'polypeptide(L)' NPNANPNA P
#
# COMPACT_ATOMS: atom_id res chain seq x y z
N PRO A 1 32.81 -9.89 -2.14
CA PRO A 1 32.50 -11.12 -1.40
C PRO A 1 31.29 -11.86 -1.95
N ALA A 2 31.52 -12.96 -2.65
CA ALA A 2 30.43 -13.72 -3.25
C ALA A 2 29.66 -14.50 -2.19
N VAL A 3 28.33 -14.47 -2.30
CA VAL A 3 27.45 -15.15 -1.35
C VAL A 3 26.57 -16.12 -2.12
N THR A 4 26.17 -17.20 -1.44
CA THR A 4 25.28 -18.21 -1.99
C THR A 4 24.03 -18.33 -1.11
N THR A 5 23.00 -18.94 -1.69
CA THR A 5 21.68 -19.02 -1.08
C THR A 5 21.59 -20.27 -0.21
N TYR A 6 21.12 -20.09 1.03
CA TYR A 6 20.87 -21.21 1.93
C TYR A 6 19.38 -21.26 2.26
N LYS A 7 18.91 -22.42 2.67
CA LYS A 7 17.49 -22.63 2.90
C LYS A 7 17.26 -23.10 4.33
N LEU A 8 16.14 -22.68 4.92
CA LEU A 8 15.76 -23.07 6.26
C LEU A 8 14.39 -23.72 6.22
N VAL A 9 14.29 -24.95 6.71
CA VAL A 9 13.02 -25.63 6.90
C VAL A 9 12.64 -25.47 8.36
N ILE A 10 11.41 -25.05 8.60
CA ILE A 10 10.95 -24.74 9.95
C ILE A 10 9.91 -25.78 10.32
N ASN A 11 10.22 -26.61 11.31
CA ASN A 11 9.28 -27.60 11.82
C ASN A 11 8.92 -27.19 13.25
N GLY A 12 8.07 -26.17 13.35
CA GLY A 12 7.62 -25.66 14.63
C GLY A 12 6.31 -26.29 15.06
N LYS A 13 5.96 -26.08 16.32
CA LYS A 13 4.72 -26.66 16.83
C LYS A 13 3.51 -26.12 16.08
N THR A 14 3.47 -24.79 15.85
CA THR A 14 2.41 -24.17 15.08
C THR A 14 2.90 -23.45 13.82
N LEU A 15 4.19 -23.13 13.71
CA LEU A 15 4.73 -22.49 12.53
C LEU A 15 5.55 -23.49 11.75
N LYS A 16 5.14 -23.74 10.50
CA LYS A 16 5.81 -24.67 9.60
C LYS A 16 6.00 -24.03 8.24
N GLY A 17 7.11 -24.31 7.61
CA GLY A 17 7.34 -23.82 6.26
C GLY A 17 8.82 -23.68 5.99
N GLU A 18 9.15 -22.70 5.16
CA GLU A 18 10.52 -22.54 4.70
C GLU A 18 10.82 -21.08 4.47
N THR A 19 12.10 -20.72 4.63
CA THR A 19 12.60 -19.42 4.24
C THR A 19 14.03 -19.58 3.76
N THR A 20 14.59 -18.50 3.22
CA THR A 20 15.94 -18.50 2.66
C THR A 20 16.71 -17.27 3.12
N THR A 21 18.03 -17.32 2.87
CA THR A 21 18.92 -16.22 3.17
C THR A 21 20.15 -16.35 2.30
N LYS A 22 20.89 -15.25 2.15
CA LYS A 22 22.12 -15.23 1.39
C LYS A 22 23.26 -14.87 2.32
N ALA A 23 24.28 -15.71 2.36
CA ALA A 23 25.41 -15.51 3.26
C ALA A 23 26.69 -15.94 2.58
N VAL A 24 27.81 -15.53 3.17
CA VAL A 24 29.11 -15.86 2.59
C VAL A 24 29.45 -17.33 2.80
N ASP A 25 28.92 -17.95 3.86
CA ASP A 25 29.17 -19.36 4.14
C ASP A 25 27.99 -19.91 4.94
N ALA A 26 28.12 -21.14 5.41
CA ALA A 26 26.99 -21.84 6.01
C ALA A 26 26.75 -21.43 7.45
N GLU A 27 27.82 -21.22 8.23
CA GLU A 27 27.63 -20.86 9.63
C GLU A 27 27.06 -19.46 9.78
N THR A 28 27.42 -18.53 8.87
CA THR A 28 26.81 -17.21 8.91
C THR A 28 25.32 -17.28 8.58
N ALA A 29 24.94 -18.13 7.62
CA ALA A 29 23.52 -18.28 7.31
C ALA A 29 22.75 -18.88 8.48
N GLU A 30 23.38 -19.77 9.25
CA GLU A 30 22.72 -20.33 10.42
C GLU A 30 22.47 -19.26 11.48
N LYS A 31 23.35 -18.26 11.58
CA LYS A 31 23.10 -17.18 12.53
C LYS A 31 21.89 -16.34 12.12
N ALA A 32 21.74 -16.10 10.81
CA ALA A 32 20.57 -15.36 10.33
C ALA A 32 19.30 -16.16 10.53
N PHE A 33 19.35 -17.48 10.27
CA PHE A 33 18.18 -18.33 10.44
C PHE A 33 17.78 -18.47 11.90
N LYS A 34 18.77 -18.56 12.79
CA LYS A 34 18.51 -18.59 14.22
C LYS A 34 17.79 -17.31 14.65
N GLN A 35 18.26 -16.16 14.17
CA GLN A 35 17.55 -14.91 14.43
C GLN A 35 16.13 -14.96 13.88
N TYR A 36 15.96 -15.46 12.66
CA TYR A 36 14.63 -15.54 12.07
C TYR A 36 13.72 -16.43 12.92
N ALA A 37 14.21 -17.61 13.31
CA ALA A 37 13.40 -18.50 14.14
C ALA A 37 13.10 -17.86 15.49
N ASN A 38 14.11 -17.23 16.11
CA ASN A 38 13.89 -16.50 17.36
C ASN A 38 12.81 -15.44 17.21
N ASP A 39 12.88 -14.63 16.14
CA ASP A 39 11.86 -13.61 15.92
C ASP A 39 10.47 -14.21 15.84
N ASN A 40 10.36 -15.47 15.43
CA ASN A 40 9.06 -16.12 15.34
C ASN A 40 8.69 -16.89 16.60
N GLY A 41 9.54 -16.86 17.63
CA GLY A 41 9.26 -17.55 18.87
C GLY A 41 9.51 -19.04 18.82
N VAL A 42 10.32 -19.50 17.87
CA VAL A 42 10.61 -20.92 17.67
C VAL A 42 12.04 -21.18 18.09
N ASP A 43 12.21 -22.04 19.09
CA ASP A 43 13.52 -22.54 19.51
C ASP A 43 13.51 -24.05 19.33
N GLY A 44 14.58 -24.60 18.77
CA GLY A 44 14.59 -26.03 18.53
C GLY A 44 15.96 -26.53 18.14
N VAL A 45 16.00 -27.83 17.84
CA VAL A 45 17.24 -28.53 17.48
C VAL A 45 17.64 -28.16 16.07
N TRP A 46 18.91 -27.82 15.88
CA TRP A 46 19.42 -27.36 14.59
C TRP A 46 20.18 -28.48 13.86
N THR A 47 19.80 -28.72 12.61
CA THR A 47 20.46 -29.70 11.76
C THR A 47 20.72 -29.08 10.41
N TYR A 48 21.70 -29.64 9.69
CA TYR A 48 22.10 -29.11 8.41
C TYR A 48 22.27 -30.24 7.41
N ASP A 49 21.81 -30.03 6.18
CA ASP A 49 21.99 -30.97 5.09
C ASP A 49 22.97 -30.36 4.11
N ASP A 50 24.21 -30.87 4.12
CA ASP A 50 25.27 -30.29 3.30
C ASP A 50 24.90 -30.31 1.82
N ALA A 51 24.29 -31.40 1.36
CA ALA A 51 24.02 -31.57 -0.06
C ALA A 51 23.02 -30.54 -0.56
N THR A 52 21.92 -30.36 0.17
CA THR A 52 20.89 -29.41 -0.24
C THR A 52 21.09 -28.03 0.38
N LYS A 53 22.16 -27.82 1.13
CA LYS A 53 22.42 -26.55 1.80
C LYS A 53 21.18 -26.09 2.56
N THR A 54 20.55 -27.02 3.25
CA THR A 54 19.28 -26.76 3.93
C THR A 54 19.44 -27.00 5.42
N PHE A 55 19.17 -25.97 6.22
CA PHE A 55 19.04 -26.10 7.67
C PHE A 55 17.62 -26.50 8.03
N THR A 56 17.49 -27.20 9.16
CA THR A 56 16.19 -27.49 9.75
C THR A 56 16.24 -27.14 11.22
N VAL A 57 15.21 -26.44 11.70
CA VAL A 57 15.04 -26.21 13.13
C VAL A 57 13.79 -26.95 13.56
N THR A 58 13.92 -27.83 14.55
CA THR A 58 12.85 -28.74 14.96
C THR A 58 12.44 -28.38 16.38
N GLU A 59 11.24 -27.82 16.55
CA GLU A 59 10.77 -27.45 17.88
C GLU A 59 10.46 -28.71 18.70
N HIS A 60 10.39 -28.54 20.02
CA HIS A 60 10.20 -29.66 20.94
C HIS A 60 8.86 -30.36 20.76
N GLN B 1 -6.04 5.02 -31.00
CA GLN B 1 -5.12 3.90 -30.91
C GLN B 1 -3.85 4.27 -30.14
N VAL B 2 -3.91 5.39 -29.43
CA VAL B 2 -2.79 5.84 -28.61
C VAL B 2 -2.50 4.81 -27.53
N GLN B 3 -1.35 4.15 -27.61
CA GLN B 3 -0.98 3.08 -26.70
C GLN B 3 0.42 3.32 -26.14
N LEU B 4 0.60 3.04 -24.86
CA LEU B 4 1.87 3.22 -24.17
C LEU B 4 2.14 1.95 -23.37
N VAL B 5 3.03 1.10 -23.87
CA VAL B 5 3.38 -0.16 -23.22
C VAL B 5 4.69 0.04 -22.48
N GLU B 6 4.66 -0.19 -21.17
CA GLU B 6 5.84 -0.01 -20.33
C GLU B 6 6.47 -1.35 -19.99
N SER B 7 7.77 -1.32 -19.75
CA SER B 7 8.51 -2.52 -19.39
C SER B 7 9.85 -2.09 -18.82
N GLY B 8 10.56 -3.06 -18.25
CA GLY B 8 11.86 -2.83 -17.67
C GLY B 8 11.88 -2.74 -16.16
N GLY B 9 10.71 -2.70 -15.52
CA GLY B 9 10.65 -2.60 -14.08
C GLY B 9 10.98 -3.91 -13.38
N GLY B 10 11.41 -3.80 -12.14
CA GLY B 10 11.76 -4.98 -11.36
C GLY B 10 12.35 -4.58 -10.03
N VAL B 11 13.13 -5.50 -9.46
CA VAL B 11 13.80 -5.30 -8.18
C VAL B 11 15.29 -5.10 -8.43
N VAL B 12 15.91 -4.24 -7.63
CA VAL B 12 17.34 -3.94 -7.72
C VAL B 12 17.89 -3.75 -6.31
N GLN B 13 19.18 -3.47 -6.24
CA GLN B 13 19.92 -3.16 -5.02
C GLN B 13 20.21 -1.66 -4.94
N PRO B 14 20.49 -1.13 -3.74
CA PRO B 14 20.74 0.31 -3.62
C PRO B 14 22.01 0.75 -4.37
N GLY B 16 22.23 0.19 -7.62
CA GLY B 16 22.07 -0.59 -8.82
C GLY B 16 21.64 0.25 -10.01
N SER B 17 21.30 -0.41 -11.11
CA SER B 17 20.90 0.28 -12.33
C SER B 17 19.73 -0.46 -13.00
N LEU B 18 18.85 0.30 -13.63
CA LEU B 18 17.73 -0.25 -14.37
C LEU B 18 17.31 0.74 -15.44
N ARG B 19 16.60 0.23 -16.44
CA ARG B 19 16.22 1.04 -17.61
C ARG B 19 14.79 0.69 -18.00
N LEU B 20 13.88 1.63 -17.83
CA LEU B 20 12.48 1.41 -18.17
C LEU B 20 12.22 1.84 -19.61
N SER B 21 11.34 1.10 -20.29
CA SER B 21 10.99 1.35 -21.68
C SER B 21 9.52 1.73 -21.78
N CYS B 22 9.18 2.41 -22.88
CA CYS B 22 7.82 2.93 -23.09
C CYS B 22 7.58 2.96 -24.59
N ALA B 23 6.88 1.95 -25.10
CA ALA B 23 6.68 1.77 -26.54
C ALA B 23 5.41 2.48 -26.97
N ALA B 24 5.56 3.57 -27.72
CA ALA B 24 4.43 4.40 -28.13
C ALA B 24 3.89 3.93 -29.48
N SER B 25 2.58 4.05 -29.64
CA SER B 25 1.91 3.73 -30.89
C SER B 25 0.64 4.56 -30.99
N GLY B 26 0.02 4.53 -32.17
CA GLY B 26 -1.23 5.23 -32.37
C GLY B 26 -1.12 6.72 -32.49
N PHE B 27 0.08 7.27 -32.58
CA PHE B 27 0.29 8.70 -32.78
C PHE B 27 1.74 8.92 -33.21
N THR B 28 1.98 10.04 -33.89
CA THR B 28 3.33 10.41 -34.32
C THR B 28 4.16 10.71 -33.08
N PHE B 29 4.96 9.74 -32.65
CA PHE B 29 5.77 9.90 -31.44
C PHE B 29 6.83 10.97 -31.61
N SER B 30 7.33 11.17 -32.83
CA SER B 30 8.41 12.12 -33.04
C SER B 30 7.99 13.57 -32.80
N GLY B 31 6.69 13.85 -32.83
CA GLY B 31 6.22 15.23 -32.78
C GLY B 31 5.83 15.74 -31.40
N TYR B 32 5.80 14.86 -30.40
CA TYR B 32 5.36 15.23 -29.06
C TYR B 32 6.47 14.96 -28.05
N GLY B 33 6.47 15.75 -26.97
CA GLY B 33 7.30 15.45 -25.83
C GLY B 33 6.64 14.44 -24.93
N MET B 34 7.45 13.80 -24.07
CA MET B 34 6.97 12.76 -23.18
C MET B 34 7.41 13.03 -21.75
N HIS B 35 6.75 12.36 -20.81
CA HIS B 35 6.97 12.53 -19.39
C HIS B 35 7.24 11.19 -18.72
N TRP B 36 7.90 11.26 -17.57
CA TRP B 36 7.93 10.17 -16.61
C TRP B 36 7.36 10.71 -15.31
N VAL B 37 6.34 10.02 -14.78
CA VAL B 37 5.73 10.36 -13.50
C VAL B 37 5.68 9.10 -12.66
N ARG B 38 6.06 9.20 -11.39
CA ARG B 38 6.06 8.07 -10.48
C ARG B 38 5.03 8.28 -9.39
N GLN B 39 4.54 7.18 -8.83
CA GLN B 39 3.54 7.21 -7.78
C GLN B 39 3.91 6.18 -6.72
N VAL B 40 4.24 6.66 -5.53
CA VAL B 40 4.48 5.75 -4.40
C VAL B 40 3.17 5.06 -4.03
N PRO B 41 3.16 3.74 -3.84
CA PRO B 41 1.91 3.06 -3.47
C PRO B 41 1.32 3.63 -2.20
N GLY B 42 0.04 4.03 -2.29
CA GLY B 42 -0.63 4.69 -1.20
C GLY B 42 -0.43 6.19 -1.13
N LYS B 43 0.36 6.76 -2.04
CA LYS B 43 0.66 8.19 -2.06
C LYS B 43 0.21 8.79 -3.39
N GLY B 44 0.47 10.09 -3.54
CA GLY B 44 0.07 10.82 -4.73
C GLY B 44 1.06 10.68 -5.86
N LEU B 45 0.93 11.58 -6.82
CA LEU B 45 1.75 11.57 -8.03
C LEU B 45 2.89 12.58 -7.92
N GLU B 46 4.05 12.23 -8.46
CA GLU B 46 5.22 13.07 -8.43
C GLU B 46 5.91 12.96 -9.79
N TRP B 47 6.17 14.11 -10.42
CA TRP B 47 6.81 14.14 -11.73
C TRP B 47 8.31 13.88 -11.59
N VAL B 48 8.89 13.30 -12.64
CA VAL B 48 10.30 12.91 -12.59
C VAL B 48 11.12 13.60 -13.69
N ALA B 49 10.72 13.47 -14.96
CA ALA B 49 11.52 14.07 -16.02
C ALA B 49 10.65 14.35 -17.24
N ILE B 50 11.17 15.23 -18.11
CA ILE B 50 10.56 15.55 -19.39
C ILE B 50 11.67 15.88 -20.39
N ILE B 51 11.47 15.47 -21.65
CA ILE B 51 12.33 15.88 -22.75
C ILE B 51 11.44 16.26 -23.92
N TRP B 52 11.92 17.20 -24.73
CA TRP B 52 11.20 17.65 -25.91
C TRP B 52 11.07 16.53 -26.94
N PHE B 53 10.21 16.78 -27.92
CA PHE B 53 10.25 15.99 -29.16
C PHE B 53 11.65 15.97 -29.74
N ASP B 54 12.41 17.05 -29.50
CA ASP B 54 13.73 17.25 -30.07
C ASP B 54 14.77 16.36 -29.40
N GLY B 55 14.74 16.26 -28.08
CA GLY B 55 15.87 15.78 -27.32
C GLY B 55 16.85 16.87 -26.95
N SER B 56 16.47 18.13 -27.10
CA SER B 56 17.37 19.25 -26.86
C SER B 56 17.30 19.76 -25.43
N GLN B 57 16.11 19.74 -24.83
CA GLN B 57 15.88 20.32 -23.51
C GLN B 57 15.51 19.21 -22.54
N LYS B 58 16.42 18.90 -21.63
CA LYS B 58 16.19 17.91 -20.59
C LYS B 58 15.97 18.61 -19.26
N TYR B 59 14.90 18.24 -18.56
CA TYR B 59 14.61 18.82 -17.26
C TYR B 59 14.18 17.72 -16.30
N TYR B 60 14.83 17.66 -15.14
CA TYR B 60 14.56 16.64 -14.14
C TYR B 60 14.09 17.29 -12.85
N ALA B 61 13.48 16.48 -11.99
CA ALA B 61 13.10 16.93 -10.66
C ALA B 61 14.32 16.99 -9.75
N ASP B 62 14.17 17.74 -8.65
CA ASP B 62 15.27 17.94 -7.71
C ASP B 62 15.76 16.66 -7.07
N SER B 63 15.00 15.56 -7.17
CA SER B 63 15.32 14.34 -6.45
C SER B 63 15.98 13.27 -7.30
N VAL B 64 15.85 13.33 -8.62
CA VAL B 64 16.45 12.36 -9.52
C VAL B 64 17.54 12.98 -10.37
N GLN B 65 17.94 14.21 -10.08
CA GLN B 65 18.99 14.86 -10.84
C GLN B 65 20.31 14.10 -10.69
N GLY B 66 20.97 13.85 -11.81
CA GLY B 66 22.24 13.15 -11.79
C GLY B 66 22.14 11.69 -11.41
N ARG B 67 21.03 11.03 -11.75
CA ARG B 67 20.84 9.62 -11.44
C ARG B 67 20.03 8.95 -12.53
N PHE B 68 18.83 9.45 -12.77
CA PHE B 68 18.03 9.01 -13.91
C PHE B 68 18.35 9.90 -15.11
N THR B 69 18.28 9.33 -16.30
CA THR B 69 18.47 10.09 -17.52
C THR B 69 17.38 9.71 -18.52
N ILE B 70 16.75 10.72 -19.10
CA ILE B 70 15.63 10.54 -20.02
C ILE B 70 16.17 10.58 -21.45
N SER B 71 15.69 9.65 -22.27
CA SER B 71 16.15 9.54 -23.66
C SER B 71 15.01 9.00 -24.51
N ARG B 72 15.21 9.04 -25.83
CA ARG B 72 14.21 8.55 -26.76
C ARG B 72 14.85 8.21 -28.09
N ASP B 73 14.42 7.10 -28.68
CA ASP B 73 14.83 6.68 -30.02
C ASP B 73 13.58 6.75 -30.89
N ASN B 74 13.41 7.88 -31.56
CA ASN B 74 12.21 8.14 -32.36
C ASN B 74 12.09 7.16 -33.52
N LYS B 76 12.66 3.97 -33.26
CA LYS B 76 12.06 2.87 -32.52
C LYS B 76 10.77 3.31 -31.80
N LYS B 77 10.52 4.62 -31.78
CA LYS B 77 9.33 5.21 -31.17
C LYS B 77 9.17 4.76 -29.71
N THR B 78 10.26 4.85 -28.95
CA THR B 78 10.31 4.36 -27.59
C THR B 78 10.92 5.41 -26.66
N LEU B 79 10.34 5.53 -25.46
CA LEU B 79 10.84 6.41 -24.42
C LEU B 79 11.57 5.59 -23.36
N PHE B 80 12.72 6.09 -22.92
CA PHE B 80 13.57 5.39 -21.97
C PHE B 80 13.80 6.23 -20.73
N LEU B 81 14.07 5.55 -19.61
CA LEU B 81 14.56 6.19 -18.39
C LEU B 81 15.57 5.24 -17.75
N ARG B 82 16.85 5.46 -18.02
CA ARG B 82 17.92 4.66 -17.43
C ARG B 82 18.09 5.10 -15.98
N MET B 83 17.63 4.28 -15.05
CA MET B 83 17.71 4.57 -13.62
C MET B 83 19.01 4.04 -13.06
N ASN B 84 19.82 4.93 -12.48
CA ASN B 84 21.11 4.57 -11.90
C ASN B 84 21.22 5.14 -10.50
N SER B 85 22.05 4.50 -9.67
CA SER B 85 22.26 4.90 -8.29
C SER B 85 20.93 5.01 -7.54
N LEU B 86 20.13 3.95 -7.65
CA LEU B 86 18.78 3.96 -7.09
C LEU B 86 18.84 4.12 -5.57
N ARG B 87 18.03 5.03 -5.06
CA ARG B 87 17.89 5.24 -3.62
C ARG B 87 16.59 4.63 -3.12
N ALA B 88 16.45 4.57 -1.80
CA ALA B 88 15.29 3.92 -1.19
C ALA B 88 13.99 4.60 -1.59
N GLU B 89 13.97 5.93 -1.55
CA GLU B 89 12.74 6.69 -1.77
C GLU B 89 12.23 6.64 -3.21
N ASP B 90 12.91 5.90 -4.09
CA ASP B 90 12.49 5.80 -5.49
C ASP B 90 11.61 4.59 -5.77
N THR B 91 11.16 3.88 -4.74
CA THR B 91 10.25 2.76 -4.93
C THR B 91 8.87 3.29 -5.28
N ALA B 92 8.47 3.12 -6.54
CA ALA B 92 7.17 3.61 -6.99
C ALA B 92 6.82 2.92 -8.30
N VAL B 93 5.55 3.03 -8.67
CA VAL B 93 5.13 2.68 -10.02
C VAL B 93 5.47 3.83 -10.95
N TYR B 94 6.17 3.53 -12.04
CA TYR B 94 6.64 4.56 -12.96
C TYR B 94 5.74 4.59 -14.19
N TYR B 95 5.16 5.77 -14.46
CA TYR B 95 4.29 5.99 -15.61
C TYR B 95 5.01 6.87 -16.63
N CYS B 96 5.03 6.45 -17.89
CA CYS B 96 5.35 7.36 -18.98
C CYS B 96 4.07 8.01 -19.47
N ALA B 97 4.18 9.27 -19.90
CA ALA B 97 3.00 10.03 -20.29
C ALA B 97 3.32 10.96 -21.47
N LYS B 98 2.33 11.13 -22.33
CA LYS B 98 2.43 12.00 -23.50
C LYS B 98 1.94 13.40 -23.16
N VAL B 99 2.48 14.40 -23.87
CA VAL B 99 2.09 15.80 -23.68
C VAL B 99 0.92 16.13 -24.61
N HIS B 100 -0.03 16.91 -24.09
CA HIS B 100 -1.20 17.31 -24.87
C HIS B 100 -0.80 18.28 -25.99
N ASP B 101 -1.72 18.46 -26.93
CA ASP B 101 -1.50 19.34 -28.08
C ASP B 101 -1.45 20.80 -27.67
N ASP B 102 -2.51 21.28 -27.04
CA ASP B 102 -2.62 22.71 -26.75
C ASP B 102 -1.81 23.08 -25.50
N GLU B 103 -2.08 22.42 -24.39
CA GLU B 103 -1.38 22.83 -23.20
C GLU B 103 -0.32 21.83 -22.78
N PRO B 104 0.81 22.29 -22.20
CA PRO B 104 1.96 21.39 -21.97
C PRO B 104 1.81 20.54 -20.72
N THR B 105 0.85 19.63 -20.75
CA THR B 105 0.64 18.70 -19.65
C THR B 105 0.34 17.32 -20.20
N GLN B 106 0.26 16.34 -19.30
CA GLN B 106 0.10 14.95 -19.70
C GLN B 106 -1.36 14.66 -20.07
N ASP B 107 -1.56 13.88 -21.12
CA ASP B 107 -2.90 13.42 -21.46
C ASP B 107 -3.02 11.89 -21.44
N TYR B 108 -2.15 11.17 -22.14
CA TYR B 108 -2.19 9.72 -22.14
C TYR B 108 -1.06 9.17 -21.30
N TRP B 109 -1.35 8.10 -20.54
CA TRP B 109 -0.41 7.52 -19.60
C TRP B 109 -0.18 6.04 -19.91
N GLY B 110 1.01 5.56 -19.59
CA GLY B 110 1.32 4.15 -19.74
C GLY B 110 0.75 3.31 -18.62
N GLN B 111 0.81 1.99 -18.81
CA GLN B 111 0.27 1.07 -17.82
C GLN B 111 1.05 1.13 -16.51
N GLY B 112 2.31 1.52 -16.57
CA GLY B 112 3.11 1.66 -15.36
C GLY B 112 3.71 0.36 -14.85
N THR B 113 5.03 0.31 -14.75
CA THR B 113 5.74 -0.84 -14.23
C THR B 113 6.38 -0.48 -12.90
N LEU B 114 6.45 -1.47 -12.00
CA LEU B 114 6.88 -1.23 -10.62
C LEU B 114 8.40 -1.31 -10.51
N VAL B 115 8.96 -0.37 -9.76
CA VAL B 115 10.38 -0.32 -9.44
C VAL B 115 10.51 -0.46 -7.93
N THR B 116 11.19 -1.51 -7.50
CA THR B 116 11.37 -1.82 -6.08
C THR B 116 12.85 -1.89 -5.75
N VAL B 117 13.27 -1.12 -4.74
CA VAL B 117 14.68 -1.01 -4.38
C VAL B 117 14.86 -1.60 -2.98
N PHE B 118 15.36 -2.83 -2.92
CA PHE B 118 15.54 -3.53 -1.66
C PHE B 118 16.84 -3.08 -1.01
N ASN B 119 16.73 -2.53 0.20
CA ASN B 119 17.91 -2.22 1.01
C ASN B 119 18.47 -3.49 1.63
N GLN B 120 17.80 -3.99 2.67
CA GLN B 120 18.08 -5.28 3.25
C GLN B 120 16.78 -6.08 3.26
N ILE B 121 16.88 -7.36 2.94
CA ILE B 121 15.69 -8.22 2.86
C ILE B 121 15.46 -8.85 4.23
N LYS B 122 14.23 -8.74 4.72
CA LYS B 122 13.85 -9.34 6.00
C LYS B 122 12.53 -10.07 5.83
N GLY B 123 12.53 -11.37 6.10
CA GLY B 123 11.32 -12.16 6.06
C GLY B 123 10.43 -11.84 7.24
N PRO B 124 9.19 -12.33 7.22
CA PRO B 124 8.21 -11.94 8.24
C PRO B 124 8.19 -12.81 9.49
N SER B 125 7.79 -12.17 10.58
CA SER B 125 7.44 -12.85 11.82
C SER B 125 5.92 -13.03 11.84
N VAL B 126 5.46 -14.26 12.04
CA VAL B 126 4.04 -14.55 11.94
C VAL B 126 3.54 -14.97 13.31
N PHE B 127 2.66 -14.15 13.88
CA PHE B 127 2.10 -14.36 15.20
C PHE B 127 0.60 -14.56 15.11
N PRO B 128 0.02 -15.41 15.95
CA PRO B 128 -1.41 -15.66 15.88
C PRO B 128 -2.23 -14.56 16.56
N LEU B 129 -3.41 -14.33 16.00
CA LEU B 129 -4.45 -13.53 16.64
C LEU B 129 -5.52 -14.56 17.04
N ALA B 130 -5.39 -15.07 18.26
CA ALA B 130 -6.15 -16.21 18.73
C ALA B 130 -7.56 -15.79 19.13
N PRO B 131 -8.57 -16.59 18.78
CA PRO B 131 -9.94 -16.28 19.16
C PRO B 131 -10.21 -16.60 20.63
N SER B 132 -11.31 -16.06 21.13
CA SER B 132 -11.72 -16.30 22.52
C SER B 132 -13.24 -16.34 22.65
N SER B 138 -21.32 -12.63 17.96
CA SER B 138 -22.36 -13.33 18.77
C SER B 138 -22.76 -14.59 18.04
N GLY B 139 -22.08 -15.69 18.37
CA GLY B 139 -22.16 -16.96 17.64
C GLY B 139 -21.07 -16.98 16.58
N THR B 140 -20.29 -15.91 16.47
CA THR B 140 -19.22 -15.72 15.47
C THR B 140 -17.96 -15.29 16.18
N ALA B 141 -16.84 -15.89 15.85
CA ALA B 141 -15.56 -15.52 16.46
C ALA B 141 -14.64 -14.99 15.39
N ALA B 142 -13.74 -14.12 15.77
CA ALA B 142 -12.72 -13.59 14.87
C ALA B 142 -11.36 -14.16 15.25
N LEU B 143 -10.53 -14.38 14.24
CA LEU B 143 -9.15 -14.82 14.45
C LEU B 143 -8.32 -14.32 13.29
N GLY B 144 -7.00 -14.40 13.44
CA GLY B 144 -6.17 -13.93 12.36
C GLY B 144 -4.70 -14.11 12.63
N CYS B 145 -3.89 -13.57 11.72
CA CYS B 145 -2.44 -13.55 11.85
C CYS B 145 -1.94 -12.12 11.73
N LEU B 146 -0.94 -11.83 12.53
CA LEU B 146 -0.18 -10.60 12.45
C LEU B 146 1.17 -10.90 11.80
N VAL B 147 1.39 -10.34 10.61
CA VAL B 147 2.59 -10.58 9.82
C VAL B 147 3.46 -9.34 9.97
N LYS B 148 4.50 -9.44 10.80
CA LYS B 148 5.20 -8.27 11.29
C LYS B 148 6.67 -8.32 10.90
N ASP B 149 7.23 -7.14 10.63
CA ASP B 149 8.69 -6.92 10.59
C ASP B 149 9.33 -7.52 9.34
N TYR B 150 8.68 -7.32 8.20
CA TYR B 150 9.24 -7.74 6.92
C TYR B 150 9.58 -6.54 6.05
N PHE B 151 10.39 -6.80 5.03
CA PHE B 151 10.85 -5.79 4.08
C PHE B 151 11.53 -6.47 2.91
N PRO B 152 11.29 -6.02 1.67
CA PRO B 152 10.30 -5.00 1.34
C PRO B 152 8.91 -5.59 1.17
N GLU B 153 8.00 -4.78 0.61
CA GLU B 153 6.69 -5.27 0.22
C GLU B 153 6.82 -6.14 -1.03
N PRO B 154 5.85 -7.05 -1.26
CA PRO B 154 4.68 -7.30 -0.43
C PRO B 154 4.72 -8.65 0.27
N VAL B 155 3.73 -8.92 1.12
CA VAL B 155 3.43 -10.29 1.53
C VAL B 155 1.99 -10.60 1.09
N THR B 156 1.74 -11.88 0.84
CA THR B 156 0.39 -12.38 0.57
C THR B 156 -0.01 -13.34 1.67
N VAL B 157 -1.30 -13.33 2.01
CA VAL B 157 -1.85 -14.20 3.05
C VAL B 157 -3.03 -14.95 2.47
N SER B 158 -3.02 -16.27 2.61
CA SER B 158 -4.22 -17.06 2.38
C SER B 158 -4.58 -17.79 3.67
N TRP B 159 -5.76 -18.39 3.69
CA TRP B 159 -6.23 -19.14 4.84
C TRP B 159 -6.56 -20.57 4.40
N ASN B 160 -6.02 -21.54 5.15
CA ASN B 160 -6.21 -22.95 4.86
C ASN B 160 -5.85 -23.27 3.41
N SER B 161 -4.70 -22.74 2.96
CA SER B 161 -4.23 -22.93 1.59
C SER B 161 -5.27 -22.51 0.56
N GLY B 162 -6.07 -21.50 0.87
CA GLY B 162 -7.05 -21.01 -0.08
C GLY B 162 -8.44 -21.62 0.03
N ALA B 163 -8.64 -22.60 0.91
CA ALA B 163 -9.98 -23.17 1.05
C ALA B 163 -10.90 -22.30 1.89
N LEU B 164 -10.36 -21.33 2.60
CA LEU B 164 -11.13 -20.39 3.40
C LEU B 164 -10.94 -19.00 2.81
N THR B 165 -11.98 -18.47 2.18
CA THR B 165 -11.93 -17.15 1.55
C THR B 165 -13.03 -16.20 2.03
N SER B 166 -14.21 -16.71 2.34
CA SER B 166 -15.30 -15.85 2.77
C SER B 166 -15.04 -15.34 4.19
N GLY B 167 -15.34 -14.05 4.41
CA GLY B 167 -15.10 -13.42 5.69
C GLY B 167 -13.67 -13.05 5.96
N VAL B 168 -12.81 -13.08 4.95
CA VAL B 168 -11.39 -12.75 5.11
C VAL B 168 -11.18 -11.27 4.85
N HIS B 169 -10.42 -10.61 5.72
CA HIS B 169 -9.94 -9.25 5.46
C HIS B 169 -8.44 -9.24 5.67
N THR B 170 -7.68 -9.00 4.61
CA THR B 170 -6.25 -8.77 4.70
C THR B 170 -6.03 -7.26 4.53
N PHE B 171 -5.49 -6.64 5.56
CA PHE B 171 -5.42 -5.19 5.62
C PHE B 171 -4.17 -4.68 4.91
N PRO B 172 -4.22 -3.44 4.42
CA PRO B 172 -3.00 -2.80 3.90
C PRO B 172 -1.90 -2.83 4.95
N ALA B 173 -0.67 -3.01 4.49
CA ALA B 173 0.48 -2.95 5.38
C ALA B 173 0.70 -1.52 5.86
N VAL B 174 1.25 -1.38 7.06
CA VAL B 174 1.73 -0.09 7.54
C VAL B 174 3.24 -0.17 7.68
N LEU B 175 3.89 0.98 7.54
CA LEU B 175 5.33 1.06 7.68
C LEU B 175 5.65 1.53 9.10
N GLN B 176 6.33 0.67 9.85
CA GLN B 176 6.62 0.95 11.24
C GLN B 176 7.84 1.87 11.36
N SER B 177 8.00 2.44 12.57
CA SER B 177 9.12 3.33 12.83
C SER B 177 10.45 2.65 12.56
N SER B 178 10.50 1.33 12.66
CA SER B 178 11.74 0.60 12.40
C SER B 178 12.13 0.58 10.93
N GLY B 179 11.24 1.02 10.03
CA GLY B 179 11.46 0.87 8.61
C GLY B 179 10.96 -0.45 8.03
N LEU B 180 10.34 -1.29 8.85
CA LEU B 180 9.81 -2.58 8.42
C LEU B 180 8.28 -2.51 8.37
N TYR B 181 7.70 -3.37 7.55
CA TYR B 181 6.26 -3.36 7.35
C TYR B 181 5.57 -4.33 8.30
N SER B 182 4.29 -4.08 8.51
CA SER B 182 3.43 -4.94 9.32
C SER B 182 2.04 -4.97 8.72
N LEU B 183 1.44 -6.15 8.65
CA LEU B 183 0.04 -6.23 8.26
C LEU B 183 -0.63 -7.35 9.02
N SER B 184 -1.95 -7.28 9.05
CA SER B 184 -2.77 -8.28 9.72
C SER B 184 -3.77 -8.85 8.72
N SER B 185 -4.03 -10.13 8.85
CA SER B 185 -5.11 -10.77 8.13
C SER B 185 -6.02 -11.45 9.13
N VAL B 186 -7.33 -11.26 8.96
CA VAL B 186 -8.31 -11.76 9.90
C VAL B 186 -9.42 -12.47 9.13
N VAL B 187 -10.18 -13.28 9.85
CA VAL B 187 -11.32 -13.97 9.28
C VAL B 187 -12.31 -14.20 10.42
N THR B 188 -13.60 -14.17 10.10
CA THR B 188 -14.63 -14.52 11.07
C THR B 188 -15.21 -15.88 10.72
N VAL B 189 -15.37 -16.73 11.72
CA VAL B 189 -15.86 -18.10 11.53
C VAL B 189 -16.86 -18.40 12.63
N PRO B 190 -17.64 -19.47 12.48
CA PRO B 190 -18.51 -19.91 13.57
C PRO B 190 -17.70 -20.26 14.81
N SER B 191 -18.11 -19.69 15.94
CA SER B 191 -17.41 -20.00 17.18
C SER B 191 -17.56 -21.46 17.59
N SER B 192 -18.59 -22.14 17.08
CA SER B 192 -18.78 -23.55 17.39
C SER B 192 -17.81 -24.45 16.65
N SER B 193 -17.18 -23.95 15.59
CA SER B 193 -16.22 -24.72 14.82
C SER B 193 -14.80 -24.65 15.39
N LEU B 194 -14.59 -23.82 16.40
CA LEU B 194 -13.24 -23.58 16.89
C LEU B 194 -12.60 -24.82 17.50
N GLY B 195 -13.40 -25.83 17.83
CA GLY B 195 -12.85 -27.03 18.44
C GLY B 195 -12.60 -28.17 17.47
N THR B 196 -13.25 -28.13 16.30
CA THR B 196 -13.21 -29.22 15.34
C THR B 196 -12.63 -28.84 13.99
N GLN B 197 -12.38 -27.56 13.74
CA GLN B 197 -11.82 -27.09 12.47
C GLN B 197 -10.51 -26.37 12.74
N THR B 198 -9.51 -26.65 11.91
CA THR B 198 -8.19 -26.03 12.01
C THR B 198 -8.12 -24.81 11.12
N TYR B 199 -7.46 -23.76 11.60
CA TYR B 199 -7.31 -22.51 10.86
C TYR B 199 -5.83 -22.18 10.75
N ILE B 200 -5.33 -22.16 9.52
CA ILE B 200 -3.94 -21.96 9.22
C ILE B 200 -3.85 -20.80 8.26
N CYS B 201 -3.00 -19.85 8.56
CA CYS B 201 -2.74 -18.76 7.63
C CYS B 201 -1.40 -19.02 6.95
N ASN B 202 -1.41 -18.97 5.62
CA ASN B 202 -0.26 -19.26 4.76
C ASN B 202 0.30 -17.94 4.26
N VAL B 203 1.55 -17.65 4.63
CA VAL B 203 2.16 -16.35 4.40
C VAL B 203 3.32 -16.52 3.44
N ASN B 204 3.31 -15.73 2.36
CA ASN B 204 4.38 -15.74 1.37
C ASN B 204 5.06 -14.39 1.34
N HIS B 205 6.40 -14.41 1.29
CA HIS B 205 7.21 -13.21 1.13
C HIS B 205 8.25 -13.56 0.08
N LYS B 206 7.92 -13.30 -1.19
CA LYS B 206 8.83 -13.67 -2.27
C LYS B 206 10.21 -13.05 -2.19
N PRO B 207 10.40 -11.80 -1.71
CA PRO B 207 11.77 -11.26 -1.63
C PRO B 207 12.71 -12.12 -0.80
N SER B 208 12.21 -12.75 0.26
CA SER B 208 13.01 -13.65 1.08
C SER B 208 12.74 -15.12 0.77
N ASN B 209 11.90 -15.40 -0.23
CA ASN B 209 11.46 -16.77 -0.55
C ASN B 209 10.93 -17.46 0.70
N THR B 210 10.10 -16.76 1.45
CA THR B 210 9.48 -17.29 2.66
C THR B 210 8.10 -17.82 2.31
N LYS B 211 7.85 -19.09 2.65
CA LYS B 211 6.51 -19.66 2.55
C LYS B 211 6.26 -20.39 3.86
N VAL B 212 5.48 -19.80 4.74
CA VAL B 212 5.27 -20.39 6.06
C VAL B 212 3.79 -20.46 6.37
N ASP B 213 3.43 -21.46 7.16
CA ASP B 213 2.07 -21.72 7.59
C ASP B 213 2.02 -21.62 9.11
N LYS B 214 1.16 -20.74 9.61
CA LYS B 214 0.96 -20.55 11.04
C LYS B 214 -0.42 -21.04 11.43
N LYS B 215 -0.47 -22.11 12.24
CA LYS B 215 -1.73 -22.57 12.80
C LYS B 215 -2.14 -21.66 13.94
N VAL B 216 -3.35 -21.13 13.88
CA VAL B 216 -3.90 -20.23 14.89
C VAL B 216 -4.76 -21.07 15.82
N GLU B 217 -4.28 -21.29 17.05
CA GLU B 217 -4.99 -22.13 18.00
C GLU B 217 -5.85 -21.31 18.95
N PRO B 218 -7.05 -21.79 19.26
CA PRO B 218 -7.95 -21.04 20.16
C PRO B 218 -7.40 -20.98 21.58
N LYS B 219 -8.03 -20.10 22.36
CA LYS B 219 -7.63 -19.86 23.75
C LYS B 219 -8.32 -20.83 24.70
N ILE C 1 4.71 25.89 -6.02
CA ILE C 1 3.29 25.74 -6.34
C ILE C 1 2.75 24.41 -5.87
N GLN C 2 1.80 24.44 -4.94
CA GLN C 2 1.20 23.22 -4.41
C GLN C 2 -0.32 23.36 -4.40
N MET C 3 -0.99 22.24 -4.63
CA MET C 3 -2.44 22.20 -4.79
C MET C 3 -3.08 21.51 -3.59
N THR C 4 -4.16 22.09 -3.09
CA THR C 4 -4.92 21.53 -1.98
C THR C 4 -6.34 21.26 -2.44
N GLN C 5 -6.77 19.99 -2.34
CA GLN C 5 -8.12 19.60 -2.72
C GLN C 5 -9.03 19.51 -1.50
N SER C 6 -10.33 19.69 -1.75
CA SER C 6 -11.33 19.53 -0.70
C SER C 6 -12.60 18.97 -1.33
N PRO C 7 -13.21 17.95 -0.73
CA PRO C 7 -12.69 17.23 0.44
C PRO C 7 -11.70 16.15 0.03
N SER C 8 -11.10 15.45 0.99
CA SER C 8 -10.23 14.33 0.63
C SER C 8 -11.01 13.08 0.29
N THR C 9 -12.22 12.94 0.85
CA THR C 9 -13.06 11.79 0.62
C THR C 9 -14.50 12.23 0.73
N LEU C 10 -15.37 11.56 -0.02
CA LEU C 10 -16.80 11.86 0.04
C LEU C 10 -17.59 10.65 -0.43
N SER C 11 -18.75 10.44 0.18
CA SER C 11 -19.66 9.36 -0.17
C SER C 11 -20.82 9.90 -0.99
N ALA C 12 -21.21 9.15 -2.02
CA ALA C 12 -22.26 9.61 -2.92
C ALA C 12 -22.97 8.40 -3.51
N SER C 13 -24.15 8.64 -4.06
CA SER C 13 -24.94 7.62 -4.72
C SER C 13 -25.01 7.88 -6.22
N VAL C 14 -25.34 6.83 -6.98
CA VAL C 14 -25.54 6.97 -8.41
C VAL C 14 -26.59 8.04 -8.67
N GLY C 15 -26.36 8.87 -9.69
CA GLY C 15 -27.25 9.95 -10.03
C GLY C 15 -27.02 11.24 -9.27
N ASP C 16 -26.12 11.25 -8.29
CA ASP C 16 -25.86 12.46 -7.53
C ASP C 16 -25.06 13.46 -8.35
N ARG C 17 -25.12 14.72 -7.90
CA ARG C 17 -24.23 15.78 -8.36
C ARG C 17 -23.11 15.92 -7.34
N VAL C 18 -21.88 15.68 -7.76
CA VAL C 18 -20.73 15.78 -6.86
C VAL C 18 -19.82 16.90 -7.32
N THR C 19 -19.15 17.52 -6.36
CA THR C 19 -18.33 18.70 -6.58
C THR C 19 -17.00 18.54 -5.86
N ILE C 20 -15.90 18.77 -6.57
CA ILE C 20 -14.54 18.70 -6.04
C ILE C 20 -13.89 20.06 -6.25
N THR C 21 -13.27 20.59 -5.21
CA THR C 21 -12.60 21.89 -5.31
C THR C 21 -11.09 21.72 -5.18
N CYS C 22 -10.36 22.67 -5.77
CA CYS C 22 -8.91 22.65 -5.77
C CYS C 22 -8.41 24.07 -5.58
N ARG C 23 -7.57 24.30 -4.56
CA ARG C 23 -6.99 25.59 -4.27
C ARG C 23 -5.50 25.56 -4.57
N ALA C 24 -5.05 26.47 -5.42
CA ALA C 24 -3.64 26.57 -5.76
C ALA C 24 -2.94 27.64 -4.93
N SER C 25 -1.71 27.35 -4.52
CA SER C 25 -0.81 28.39 -4.02
C SER C 25 -0.20 29.12 -5.21
N GLN C 26 -0.26 30.46 -5.18
CA GLN C 26 0.10 31.33 -6.30
C GLN C 26 -0.89 31.14 -7.46
N GLY C 27 -1.19 32.22 -8.16
CA GLY C 27 -2.12 32.12 -9.28
C GLY C 27 -1.54 31.32 -10.42
N ILE C 28 -2.41 30.56 -11.09
CA ILE C 28 -2.01 29.72 -12.22
C ILE C 28 -2.91 29.99 -13.41
N SER C 29 -3.71 31.07 -13.33
CA SER C 29 -4.63 31.45 -14.40
C SER C 29 -5.59 30.30 -14.71
N THR C 30 -5.50 29.71 -15.91
CA THR C 30 -6.28 28.52 -16.23
C THR C 30 -5.41 27.30 -16.51
N SER C 31 -4.15 27.28 -16.07
CA SER C 31 -3.26 26.16 -16.34
C SER C 31 -3.47 25.04 -15.33
N LEU C 32 -4.69 24.50 -15.33
CA LEU C 32 -5.09 23.48 -14.39
C LEU C 32 -5.71 22.29 -15.11
N ALA C 33 -5.39 21.08 -14.65
CA ALA C 33 -5.96 19.87 -15.22
C ALA C 33 -6.54 18.99 -14.11
N TRP C 34 -7.56 18.22 -14.46
CA TRP C 34 -8.18 17.25 -13.58
C TRP C 34 -7.96 15.85 -14.14
N TYR C 35 -7.57 14.92 -13.26
CA TYR C 35 -7.28 13.54 -13.64
C TYR C 35 -8.13 12.58 -12.81
N GLN C 36 -8.42 11.42 -13.40
CA GLN C 36 -9.10 10.34 -12.71
C GLN C 36 -8.20 9.11 -12.66
N GLN C 37 -8.22 8.40 -11.55
CA GLN C 37 -7.42 7.20 -11.41
C GLN C 37 -8.14 6.20 -10.51
N LYS C 38 -8.26 5.00 -11.00
CA LYS C 38 -8.80 3.88 -10.24
C LYS C 38 -7.66 3.00 -9.74
N PRO C 39 -7.83 2.32 -8.60
CA PRO C 39 -6.71 1.62 -7.97
C PRO C 39 -6.03 0.64 -8.91
N GLY C 40 -4.70 0.68 -8.94
CA GLY C 40 -3.92 -0.16 -9.80
C GLY C 40 -3.91 0.22 -11.27
N LYS C 41 -4.54 1.33 -11.64
CA LYS C 41 -4.59 1.75 -13.03
C LYS C 41 -3.98 3.12 -13.21
N ALA C 42 -3.59 3.42 -14.45
CA ALA C 42 -2.98 4.69 -14.77
C ALA C 42 -4.02 5.82 -14.74
N PRO C 43 -3.61 7.03 -14.40
CA PRO C 43 -4.55 8.15 -14.37
C PRO C 43 -4.94 8.58 -15.77
N LYS C 44 -6.15 9.15 -15.87
CA LYS C 44 -6.73 9.55 -17.14
C LYS C 44 -7.10 11.03 -17.08
N LEU C 45 -6.83 11.74 -18.16
CA LEU C 45 -7.07 13.18 -18.21
C LEU C 45 -8.53 13.46 -18.49
N LEU C 46 -9.18 14.21 -17.59
CA LEU C 46 -10.57 14.60 -17.76
C LEU C 46 -10.69 16.01 -18.32
N ILE C 47 -10.09 16.98 -17.63
CA ILE C 47 -10.23 18.39 -17.96
C ILE C 47 -8.84 19.00 -18.07
N TYR C 48 -8.64 19.84 -19.07
CA TYR C 48 -7.45 20.67 -19.19
C TYR C 48 -7.86 22.12 -19.41
N LYS C 49 -6.91 23.02 -19.18
CA LYS C 49 -7.18 24.47 -19.22
C LYS C 49 -8.39 24.83 -18.36
N ALA C 50 -8.48 24.20 -17.18
CA ALA C 50 -9.53 24.47 -16.19
C ALA C 50 -10.92 24.04 -16.65
N SER C 51 -11.24 24.20 -17.94
CA SER C 51 -12.61 23.96 -18.38
C SER C 51 -12.74 23.17 -19.68
N SER C 52 -11.66 22.89 -20.41
CA SER C 52 -11.77 22.20 -21.69
C SER C 52 -11.82 20.70 -21.47
N LEU C 53 -12.81 20.05 -22.08
CA LEU C 53 -12.99 18.60 -21.95
C LEU C 53 -12.12 17.86 -22.94
N GLU C 54 -11.32 16.92 -22.41
CA GLU C 54 -10.55 16.04 -23.27
C GLU C 54 -11.47 15.15 -24.09
N SER C 55 -11.03 14.81 -25.30
CA SER C 55 -11.84 13.95 -26.17
C SER C 55 -12.10 12.61 -25.51
N GLY C 56 -13.27 12.05 -25.81
CA GLY C 56 -13.68 10.79 -25.22
C GLY C 56 -14.25 10.87 -23.81
N VAL C 57 -14.02 11.98 -23.10
CA VAL C 57 -14.52 12.08 -21.72
C VAL C 57 -16.02 12.31 -21.75
N PRO C 58 -16.81 11.64 -20.90
CA PRO C 58 -18.26 11.82 -20.91
C PRO C 58 -18.65 13.25 -20.57
N SER C 59 -19.79 13.68 -21.10
CA SER C 59 -20.24 15.07 -20.99
C SER C 59 -20.60 15.46 -19.57
N ARG C 60 -20.74 14.50 -18.65
CA ARG C 60 -21.13 14.81 -17.29
C ARG C 60 -19.98 15.39 -16.46
N PHE C 61 -18.76 15.40 -16.99
CA PHE C 61 -17.62 16.01 -16.31
C PHE C 61 -17.45 17.43 -16.82
N SER C 62 -17.21 18.36 -15.90
CA SER C 62 -16.99 19.76 -16.27
C SER C 62 -16.10 20.45 -15.24
N GLY C 63 -15.25 21.35 -15.71
CA GLY C 63 -14.38 22.11 -14.84
C GLY C 63 -14.69 23.59 -14.84
N SER C 64 -14.34 24.28 -13.76
CA SER C 64 -14.59 25.71 -13.59
C SER C 64 -13.43 26.34 -12.86
N GLY C 65 -13.42 27.67 -12.84
CA GLY C 65 -12.48 28.41 -12.02
C GLY C 65 -11.35 29.03 -12.81
N SER C 66 -10.65 29.94 -12.14
CA SER C 66 -9.53 30.67 -12.72
C SER C 66 -8.77 31.33 -11.58
N GLY C 67 -7.45 31.40 -11.69
CA GLY C 67 -6.65 32.03 -10.68
C GLY C 67 -6.06 31.08 -9.66
N THR C 68 -6.81 30.78 -8.59
CA THR C 68 -6.32 29.91 -7.53
C THR C 68 -7.35 28.85 -7.11
N GLU C 69 -8.63 29.11 -7.35
CA GLU C 69 -9.71 28.21 -6.95
C GLU C 69 -10.32 27.57 -8.19
N PHE C 70 -10.61 26.28 -8.10
CA PHE C 70 -11.10 25.52 -9.25
C PHE C 70 -12.08 24.46 -8.78
N THR C 71 -13.00 24.09 -9.65
CA THR C 71 -14.06 23.16 -9.26
C THR C 71 -14.30 22.13 -10.38
N LEU C 72 -14.21 20.85 -10.02
CA LEU C 72 -14.60 19.74 -10.89
C LEU C 72 -16.01 19.32 -10.50
N THR C 73 -16.92 19.29 -11.47
CA THR C 73 -18.31 18.93 -11.24
C THR C 73 -18.63 17.68 -12.05
N ILE C 74 -19.28 16.70 -11.41
CA ILE C 74 -19.77 15.50 -12.08
C ILE C 74 -21.27 15.44 -11.92
N THR C 75 -22.00 15.50 -13.03
CA THR C 75 -23.45 15.37 -13.04
C THR C 75 -23.86 13.91 -13.18
N SER C 76 -24.88 13.52 -12.43
CA SER C 76 -25.44 12.18 -12.51
C SER C 76 -24.34 11.12 -12.44
N LEU C 77 -23.75 11.03 -11.24
CA LEU C 77 -22.65 10.11 -10.99
C LEU C 77 -22.99 8.71 -11.46
N GLN C 78 -22.07 8.10 -12.20
CA GLN C 78 -22.20 6.76 -12.74
C GLN C 78 -21.38 5.75 -11.92
N PRO C 79 -21.78 4.48 -11.92
CA PRO C 79 -21.01 3.48 -11.15
C PRO C 79 -19.54 3.44 -11.51
N GLU C 80 -19.17 3.77 -12.75
CA GLU C 80 -17.76 3.77 -13.14
C GLU C 80 -17.05 5.06 -12.77
N ASP C 81 -17.71 5.97 -12.05
CA ASP C 81 -17.12 7.22 -11.61
C ASP C 81 -16.60 7.16 -10.18
N PHE C 82 -16.90 6.09 -9.44
CA PHE C 82 -16.32 5.91 -8.11
C PHE C 82 -14.82 5.67 -8.28
N ALA C 83 -14.02 6.64 -7.86
CA ALA C 83 -12.58 6.66 -8.15
C ALA C 83 -11.95 7.80 -7.36
N THR C 84 -10.66 8.03 -7.59
CA THR C 84 -9.93 9.16 -7.02
C THR C 84 -9.67 10.18 -8.12
N TYR C 85 -9.79 11.46 -7.76
CA TYR C 85 -9.64 12.56 -8.70
C TYR C 85 -8.53 13.48 -8.21
N TYR C 86 -7.66 13.89 -9.13
CA TYR C 86 -6.56 14.79 -8.84
C TYR C 86 -6.70 16.05 -9.68
N CYS C 87 -6.44 17.20 -9.07
CA CYS C 87 -6.19 18.42 -9.81
C CYS C 87 -4.69 18.58 -9.96
N GLN C 88 -4.30 19.41 -10.94
CA GLN C 88 -2.88 19.56 -11.23
C GLN C 88 -2.65 20.89 -11.92
N GLN C 89 -1.59 21.58 -11.52
CA GLN C 89 -1.14 22.78 -12.19
C GLN C 89 0.05 22.46 -13.10
N TYR C 90 0.09 23.14 -14.24
CA TYR C 90 1.22 23.01 -15.15
C TYR C 90 1.73 24.39 -15.55
N LYS C 91 1.70 25.32 -14.61
CA LYS C 91 2.34 26.62 -14.82
C LYS C 91 3.85 26.55 -14.59
N ARG C 92 4.26 26.02 -13.44
CA ARG C 92 5.67 25.82 -13.13
C ARG C 92 5.86 24.36 -12.74
N TYR C 93 6.52 23.61 -13.60
CA TYR C 93 6.71 22.16 -13.45
C TYR C 93 5.30 21.53 -13.42
N TRP C 94 5.07 20.51 -12.60
CA TRP C 94 3.79 19.83 -12.58
C TRP C 94 3.51 19.38 -11.15
N THR C 95 2.47 19.93 -10.54
CA THR C 95 2.13 19.67 -9.14
C THR C 95 0.71 19.15 -9.04
N PHE C 96 0.52 18.08 -8.27
CA PHE C 96 -0.79 17.48 -8.07
C PHE C 96 -1.33 17.80 -6.68
N GLY C 97 -2.65 17.76 -6.56
CA GLY C 97 -3.30 17.80 -5.27
C GLY C 97 -3.22 16.46 -4.57
N GLN C 98 -3.79 16.43 -3.36
CA GLN C 98 -3.70 15.21 -2.55
C GLN C 98 -4.69 14.15 -3.01
N GLY C 99 -5.67 14.50 -3.84
CA GLY C 99 -6.61 13.53 -4.35
C GLY C 99 -7.91 13.50 -3.58
N THR C 100 -9.03 13.31 -4.28
CA THR C 100 -10.35 13.19 -3.67
C THR C 100 -10.93 11.84 -4.08
N LYS C 101 -11.21 10.99 -3.09
CA LYS C 101 -11.72 9.65 -3.32
C LYS C 101 -13.25 9.66 -3.18
N VAL C 102 -13.94 9.39 -4.27
CA VAL C 102 -15.40 9.33 -4.28
C VAL C 102 -15.79 7.88 -4.01
N GLU C 103 -16.53 7.65 -2.92
CA GLU C 103 -16.87 6.32 -2.46
C GLU C 103 -18.38 6.14 -2.49
N ILE C 104 -18.81 4.89 -2.35
CA ILE C 104 -20.22 4.53 -2.49
C ILE C 104 -20.93 4.72 -1.15
N LYS C 105 -22.00 5.50 -1.16
CA LYS C 105 -22.80 5.70 0.03
C LYS C 105 -23.67 4.48 0.29
N ARG C 106 -23.91 4.20 1.57
CA ARG C 106 -24.86 3.18 2.00
C ARG C 106 -25.39 3.59 3.39
N THR C 107 -26.24 2.74 3.97
CA THR C 107 -26.76 3.02 5.29
C THR C 107 -25.67 2.83 6.34
N VAL C 108 -25.86 3.49 7.48
CA VAL C 108 -24.91 3.40 8.57
C VAL C 108 -24.92 1.99 9.14
N ALA C 109 -23.73 1.43 9.35
CA ALA C 109 -23.57 0.11 9.94
C ALA C 109 -22.50 0.17 11.02
N ALA C 110 -22.87 -0.20 12.24
CA ALA C 110 -21.92 -0.18 13.34
C ALA C 110 -20.88 -1.28 13.19
N PRO C 111 -19.67 -1.06 13.69
CA PRO C 111 -18.64 -2.11 13.65
C PRO C 111 -18.82 -3.18 14.72
N SER C 112 -18.42 -4.39 14.36
CA SER C 112 -18.17 -5.45 15.33
C SER C 112 -16.72 -5.34 15.80
N VAL C 113 -16.51 -5.39 17.11
CA VAL C 113 -15.23 -5.04 17.71
C VAL C 113 -14.66 -6.25 18.45
N PHE C 114 -13.38 -6.53 18.21
CA PHE C 114 -12.69 -7.65 18.82
C PHE C 114 -11.29 -7.20 19.22
N ILE C 115 -10.79 -7.75 20.32
CA ILE C 115 -9.44 -7.44 20.76
C ILE C 115 -8.64 -8.73 20.90
N PHE C 116 -7.35 -8.65 20.59
CA PHE C 116 -6.46 -9.80 20.60
C PHE C 116 -5.24 -9.48 21.46
N PRO C 117 -4.99 -10.22 22.53
CA PRO C 117 -3.77 -9.99 23.30
C PRO C 117 -2.55 -10.42 22.52
N PRO C 118 -1.37 -9.96 22.89
CA PRO C 118 -0.15 -10.43 22.21
C PRO C 118 0.04 -11.92 22.45
N SER C 119 0.76 -12.56 21.53
CA SER C 119 1.00 -13.99 21.65
C SER C 119 2.25 -14.27 22.46
N ASP C 120 2.26 -15.41 23.14
CA ASP C 120 3.44 -15.83 23.88
C ASP C 120 4.65 -15.93 22.96
N GLU C 121 4.45 -16.36 21.71
CA GLU C 121 5.55 -16.45 20.75
C GLU C 121 6.19 -15.09 20.52
N GLN C 122 5.38 -14.03 20.43
CA GLN C 122 5.94 -12.70 20.24
C GLN C 122 6.57 -12.17 21.52
N LEU C 123 5.89 -12.36 22.65
CA LEU C 123 6.41 -11.92 23.94
C LEU C 123 7.76 -12.54 24.24
N LYS C 124 8.06 -13.70 23.66
CA LYS C 124 9.36 -14.33 23.89
C LYS C 124 10.51 -13.47 23.39
N SER C 125 10.27 -12.49 22.53
CA SER C 125 11.35 -11.69 21.97
C SER C 125 11.30 -10.22 22.39
N GLY C 126 10.47 -9.88 23.38
CA GLY C 126 10.56 -8.58 24.03
C GLY C 126 9.61 -7.52 23.55
N THR C 127 8.66 -7.84 22.67
CA THR C 127 7.70 -6.88 22.16
C THR C 127 6.29 -7.42 22.34
N ALA C 128 5.34 -6.53 22.58
CA ALA C 128 3.93 -6.88 22.72
C ALA C 128 3.11 -6.05 21.76
N SER C 129 2.44 -6.74 20.83
CA SER C 129 1.51 -6.12 19.88
C SER C 129 0.09 -6.50 20.29
N VAL C 130 -0.69 -5.52 20.68
CA VAL C 130 -2.12 -5.72 20.96
C VAL C 130 -2.90 -5.20 19.76
N VAL C 131 -3.93 -5.94 19.36
CA VAL C 131 -4.66 -5.70 18.11
C VAL C 131 -6.14 -5.59 18.42
N CYS C 132 -6.79 -4.62 17.79
CA CYS C 132 -8.21 -4.37 17.92
C CYS C 132 -8.80 -4.40 16.51
N LEU C 133 -9.84 -5.20 16.31
CA LEU C 133 -10.46 -5.36 14.99
C LEU C 133 -11.80 -4.66 14.96
N LEU C 134 -12.02 -3.83 13.94
CA LEU C 134 -13.31 -3.20 13.68
C LEU C 134 -13.79 -3.74 12.34
N ASN C 135 -14.92 -4.45 12.36
CA ASN C 135 -15.33 -5.28 11.23
C ASN C 135 -16.61 -4.78 10.58
N ASN C 136 -16.56 -4.59 9.27
CA ASN C 136 -17.74 -4.39 8.42
C ASN C 136 -18.63 -3.25 8.95
N PHE C 137 -18.08 -2.03 8.87
CA PHE C 137 -18.80 -0.86 9.34
C PHE C 137 -18.95 0.18 8.22
N TYR C 138 -19.89 1.10 8.42
CA TYR C 138 -20.05 2.23 7.50
C TYR C 138 -20.67 3.38 8.27
N PRO C 139 -20.19 4.63 8.11
CA PRO C 139 -19.14 5.08 7.20
C PRO C 139 -17.72 4.81 7.67
N ARG C 140 -16.75 5.25 6.86
CA ARG C 140 -15.35 4.92 7.08
C ARG C 140 -14.80 5.53 8.39
N GLU C 141 -15.36 6.64 8.84
CA GLU C 141 -14.80 7.37 9.97
C GLU C 141 -15.11 6.62 11.27
N ALA C 142 -14.11 5.92 11.79
CA ALA C 142 -14.25 5.18 13.03
C ALA C 142 -13.03 5.50 13.90
N LYS C 143 -13.27 5.78 15.17
CA LYS C 143 -12.22 6.17 16.10
C LYS C 143 -11.87 5.00 17.02
N VAL C 144 -10.60 4.63 17.04
CA VAL C 144 -10.08 3.64 17.97
C VAL C 144 -9.27 4.38 19.03
N GLN C 145 -9.58 4.14 20.30
CA GLN C 145 -8.84 4.73 21.41
C GLN C 145 -8.33 3.62 22.31
N TRP C 146 -7.01 3.46 22.38
CA TRP C 146 -6.41 2.48 23.27
C TRP C 146 -6.28 3.03 24.69
N LYS C 147 -6.60 2.19 25.67
CA LYS C 147 -6.45 2.55 27.08
C LYS C 147 -5.67 1.45 27.78
N VAL C 148 -4.75 1.84 28.65
CA VAL C 148 -3.92 0.92 29.41
C VAL C 148 -4.05 1.31 30.87
N ASP C 149 -4.73 0.49 31.66
CA ASP C 149 -5.11 0.83 33.03
C ASP C 149 -5.74 2.22 33.07
N ASN C 150 -6.65 2.46 32.12
CA ASN C 150 -7.46 3.66 32.00
C ASN C 150 -6.65 4.89 31.58
N ALA C 151 -5.37 4.73 31.26
CA ALA C 151 -4.56 5.82 30.72
C ALA C 151 -4.66 5.83 29.20
N LEU C 152 -5.06 6.97 28.65
CA LEU C 152 -5.19 7.11 27.19
C LEU C 152 -3.83 7.02 26.53
N GLN C 153 -3.75 6.22 25.46
CA GLN C 153 -2.52 6.03 24.70
C GLN C 153 -2.50 6.96 23.50
N SER C 154 -1.30 7.40 23.14
CA SER C 154 -1.15 8.19 21.93
C SER C 154 0.25 7.97 21.39
N GLY C 155 0.38 7.97 20.07
CA GLY C 155 1.66 7.89 19.43
C GLY C 155 2.30 6.51 19.41
N ASN C 156 1.65 5.49 19.97
CA ASN C 156 2.21 4.15 20.00
C ASN C 156 1.27 3.14 19.34
N SER C 157 0.44 3.58 18.41
CA SER C 157 -0.46 2.69 17.69
C SER C 157 -0.46 3.04 16.21
N GLN C 158 -0.89 2.08 15.40
CA GLN C 158 -0.99 2.24 13.96
C GLN C 158 -2.24 1.55 13.44
N GLU C 159 -2.83 2.13 12.40
CA GLU C 159 -4.12 1.71 11.85
C GLU C 159 -4.00 1.50 10.35
N SER C 160 -4.83 0.60 9.82
CA SER C 160 -5.01 0.48 8.39
C SER C 160 -6.46 0.06 8.13
N VAL C 161 -6.97 0.46 6.98
CA VAL C 161 -8.38 0.28 6.66
C VAL C 161 -8.49 -0.38 5.29
N THR C 162 -9.40 -1.35 5.17
CA THR C 162 -9.60 -1.98 3.88
C THR C 162 -10.34 -1.04 2.94
N GLU C 163 -10.24 -1.34 1.65
CA GLU C 163 -11.09 -0.69 0.67
C GLU C 163 -12.54 -1.11 0.90
N GLN C 164 -13.45 -0.33 0.33
CA GLN C 164 -14.88 -0.66 0.40
C GLN C 164 -15.13 -2.04 -0.20
N ASP C 165 -15.89 -2.85 0.53
CA ASP C 165 -16.11 -4.23 0.13
C ASP C 165 -16.96 -4.32 -1.13
N SER C 166 -16.68 -5.37 -1.93
CA SER C 166 -17.36 -5.59 -3.20
C SER C 166 -18.88 -5.67 -3.04
N LYS C 167 -19.34 -6.38 -2.01
CA LYS C 167 -20.73 -6.75 -1.92
C LYS C 167 -21.55 -5.80 -1.05
N ASP C 168 -21.07 -5.47 0.15
CA ASP C 168 -21.85 -4.71 1.12
C ASP C 168 -21.35 -3.28 1.31
N SER C 169 -20.25 -2.89 0.66
CA SER C 169 -19.77 -1.50 0.68
C SER C 169 -19.34 -1.05 2.07
N THR C 170 -18.96 -1.97 2.94
CA THR C 170 -18.49 -1.64 4.28
C THR C 170 -16.96 -1.58 4.31
N TYR C 171 -16.45 -1.06 5.42
CA TYR C 171 -15.02 -1.03 5.70
C TYR C 171 -14.72 -1.92 6.89
N SER C 172 -13.46 -2.33 6.99
CA SER C 172 -12.91 -2.89 8.21
C SER C 172 -11.60 -2.20 8.54
N LEU C 173 -11.23 -2.23 9.82
CA LEU C 173 -10.07 -1.51 10.33
C LEU C 173 -9.31 -2.36 11.32
N SER C 174 -7.99 -2.34 11.21
CA SER C 174 -7.10 -3.03 12.12
C SER C 174 -6.16 -2.02 12.77
N SER C 175 -6.10 -2.03 14.10
CA SER C 175 -5.23 -1.12 14.84
C SER C 175 -4.31 -1.90 15.76
N THR C 176 -3.01 -1.67 15.65
CA THR C 176 -2.01 -2.35 16.46
C THR C 176 -1.40 -1.37 17.45
N LEU C 177 -1.52 -1.69 18.74
CA LEU C 177 -0.82 -1.00 19.82
C LEU C 177 0.45 -1.78 20.15
N THR C 178 1.60 -1.13 20.03
CA THR C 178 2.88 -1.80 20.21
C THR C 178 3.60 -1.26 21.44
N LEU C 179 3.80 -2.12 22.44
CA LEU C 179 4.56 -1.81 23.64
C LEU C 179 5.75 -2.75 23.75
N SER C 180 6.77 -2.30 24.48
CA SER C 180 7.80 -3.21 24.91
C SER C 180 7.20 -4.25 25.84
N LYS C 181 7.81 -5.43 25.88
CA LYS C 181 7.39 -6.47 26.82
C LYS C 181 7.43 -5.96 28.26
N ALA C 182 8.52 -5.29 28.64
CA ALA C 182 8.64 -4.76 29.99
C ALA C 182 7.48 -3.82 30.32
N ASP C 183 7.17 -2.91 29.41
CA ASP C 183 6.04 -2.01 29.64
C ASP C 183 4.73 -2.78 29.67
N TYR C 184 4.59 -3.80 28.80
CA TYR C 184 3.37 -4.59 28.77
C TYR C 184 3.13 -5.28 30.11
N GLU C 185 4.18 -5.87 30.69
CA GLU C 185 4.07 -6.58 31.96
C GLU C 185 3.79 -5.65 33.14
N LYS C 186 3.95 -4.34 32.96
CA LYS C 186 3.71 -3.41 34.05
C LYS C 186 2.25 -3.04 34.21
N HIS C 187 1.36 -3.53 33.35
CA HIS C 187 -0.03 -3.09 33.39
C HIS C 187 -0.96 -4.28 33.21
N LYS C 188 -2.21 -4.08 33.64
CA LYS C 188 -3.20 -5.15 33.69
C LYS C 188 -4.28 -5.01 32.62
N VAL C 189 -5.00 -3.89 32.57
CA VAL C 189 -6.19 -3.76 31.76
C VAL C 189 -5.82 -3.12 30.42
N TYR C 190 -6.08 -3.84 29.34
CA TYR C 190 -5.82 -3.38 27.98
C TYR C 190 -7.16 -3.30 27.24
N ALA C 191 -7.49 -2.13 26.75
CA ALA C 191 -8.80 -1.88 26.19
C ALA C 191 -8.67 -1.05 24.94
N CYS C 192 -9.49 -1.37 23.92
CA CYS C 192 -9.71 -0.48 22.80
C CYS C 192 -11.16 -0.02 22.87
N GLU C 193 -11.36 1.29 22.78
CA GLU C 193 -12.67 1.91 22.83
C GLU C 193 -12.98 2.48 21.46
N VAL C 194 -14.17 2.17 20.94
CA VAL C 194 -14.50 2.45 19.55
C VAL C 194 -15.67 3.43 19.52
N THR C 195 -15.47 4.54 18.84
CA THR C 195 -16.52 5.52 18.59
C THR C 195 -16.90 5.45 17.12
N HIS C 196 -18.20 5.44 16.85
CA HIS C 196 -18.67 5.37 15.47
C HIS C 196 -20.12 5.85 15.43
N GLN C 197 -20.49 6.45 14.29
CA GLN C 197 -21.83 7.00 14.17
C GLN C 197 -22.90 5.93 14.36
N GLY C 198 -22.60 4.69 14.01
CA GLY C 198 -23.54 3.61 14.21
C GLY C 198 -23.69 3.11 15.61
N LEU C 199 -22.91 3.65 16.56
CA LEU C 199 -22.99 3.27 17.95
C LEU C 199 -23.60 4.40 18.76
N SER C 200 -24.62 4.08 19.56
CA SER C 200 -25.22 5.10 20.41
C SER C 200 -24.25 5.55 21.50
N SER C 201 -23.45 4.62 22.02
CA SER C 201 -22.40 4.92 22.97
C SER C 201 -21.17 4.13 22.55
N PRO C 202 -19.99 4.55 22.98
CA PRO C 202 -18.77 3.87 22.55
C PRO C 202 -18.69 2.44 23.08
N VAL C 203 -18.10 1.57 22.30
CA VAL C 203 -17.97 0.16 22.63
C VAL C 203 -16.53 -0.09 23.02
N THR C 204 -16.34 -0.76 24.15
CA THR C 204 -15.02 -1.05 24.67
C THR C 204 -14.86 -2.55 24.76
N LYS C 205 -13.81 -3.07 24.14
CA LYS C 205 -13.39 -4.44 24.32
C LYS C 205 -12.07 -4.43 25.08
N SER C 206 -11.97 -5.25 26.11
CA SER C 206 -10.80 -5.23 26.96
C SER C 206 -10.44 -6.64 27.40
N PHE C 207 -9.24 -6.76 27.98
CA PHE C 207 -8.83 -7.98 28.64
C PHE C 207 -7.84 -7.62 29.73
N ASN C 208 -7.65 -8.56 30.64
CA ASN C 208 -6.66 -8.44 31.71
C ASN C 208 -5.46 -9.29 31.34
N ARG C 209 -4.27 -8.65 31.29
CA ARG C 209 -3.06 -9.40 31.00
C ARG C 209 -2.98 -10.62 31.92
N GLY C 210 -3.13 -11.81 31.33
CA GLY C 210 -3.23 -13.03 32.10
C GLY C 210 -4.58 -13.69 31.99
N GLU C 211 -4.94 -14.13 30.79
CA GLU C 211 -6.21 -14.79 30.48
C GLU C 211 -7.41 -14.06 31.08
N ASN D 1 13.24 27.06 -19.98
CA ASN D 1 11.93 26.95 -19.35
C ASN D 1 11.34 25.55 -19.54
N PRO D 2 11.16 24.82 -18.44
CA PRO D 2 10.64 23.45 -18.57
C PRO D 2 9.20 23.38 -19.07
N ASN D 3 8.38 24.39 -18.83
CA ASN D 3 6.96 24.31 -19.16
C ASN D 3 6.62 25.02 -20.47
N ALA D 4 7.62 25.26 -21.32
CA ALA D 4 7.35 25.62 -22.70
C ALA D 4 6.86 24.39 -23.45
N ASN D 5 6.05 24.61 -24.49
CA ASN D 5 5.45 23.47 -25.24
C ASN D 5 6.58 22.63 -25.81
N PRO D 6 6.68 21.36 -25.41
CA PRO D 6 7.75 20.49 -25.91
C PRO D 6 7.34 19.72 -27.15
N ASN D 7 6.33 20.20 -27.86
CA ASN D 7 5.81 19.51 -29.03
C ASN D 7 6.27 20.20 -30.31
N ALA D 8 5.71 19.78 -31.43
CA ALA D 8 6.05 20.31 -32.75
C ALA D 8 5.76 21.81 -32.85
#